data_7C31
#
_entry.id   7C31
#
_cell.length_a   27.854
_cell.length_b   27.854
_cell.length_c   99.605
_cell.angle_alpha   90.000
_cell.angle_beta   90.000
_cell.angle_gamma   90.000
#
_symmetry.space_group_name_H-M   'P 43'
#
loop_
_entity.id
_entity.type
_entity.pdbx_description
1 polymer 'Knot1 domain-containing protein'
2 water water
#
_entity_poly.entity_id   1
_entity_poly.type   'polypeptide(L)'
_entity_poly.pdbx_seq_one_letter_code
;RVCESQSHKFEGACMGDHNCALVCRNEGFSGGKCKGLRRRCFCTKLC
;
_entity_poly.pdbx_strand_id   A,B
#
# COMPACT_ATOMS: atom_id res chain seq x y z
N ARG A 1 -0.85 10.09 7.21
CA ARG A 1 -0.92 9.39 5.90
C ARG A 1 -0.51 7.93 6.03
N VAL A 2 -1.35 7.04 5.50
CA VAL A 2 -1.20 5.60 5.67
C VAL A 2 -0.55 5.00 4.44
N CYS A 3 0.42 4.13 4.68
CA CYS A 3 1.09 3.31 3.68
C CYS A 3 0.78 1.85 3.96
N GLU A 4 0.77 1.06 2.89
CA GLU A 4 0.48 -0.36 2.92
C GLU A 4 1.54 -1.16 2.19
N SER A 5 1.74 -2.39 2.67
CA SER A 5 2.66 -3.33 2.05
C SER A 5 2.13 -4.73 2.33
N GLN A 6 2.02 -5.56 1.30
CA GLN A 6 1.58 -6.93 1.54
C GLN A 6 2.55 -7.64 2.49
N SER A 7 1.98 -8.43 3.40
CA SER A 7 2.78 -9.18 4.37
C SER A 7 3.64 -10.21 3.67
N HIS A 8 4.87 -10.36 4.15
CA HIS A 8 5.76 -11.42 3.65
C HIS A 8 5.55 -12.74 4.40
N LYS A 9 5.11 -12.67 5.66
CA LYS A 9 5.06 -13.84 6.52
C LYS A 9 3.69 -14.51 6.58
N PHE A 10 2.61 -13.77 6.33
CA PHE A 10 1.25 -14.29 6.47
C PHE A 10 1.05 -15.46 5.52
N GLU A 11 0.56 -16.57 6.04
CA GLU A 11 0.41 -17.81 5.26
C GLU A 11 -1.06 -18.12 5.09
N GLY A 12 -1.46 -18.46 3.86
CA GLY A 12 -2.83 -18.85 3.62
C GLY A 12 -3.78 -17.68 3.46
N ALA A 13 -5.05 -18.04 3.31
CA ALA A 13 -6.08 -17.03 3.13
C ALA A 13 -6.19 -16.19 4.40
N CYS A 14 -6.31 -14.89 4.21
CA CYS A 14 -6.47 -13.96 5.31
C CYS A 14 -7.95 -13.91 5.63
N MET A 15 -8.33 -14.54 6.72
CA MET A 15 -9.72 -14.62 7.11
C MET A 15 -10.03 -13.75 8.29
N GLY A 16 -9.01 -13.35 9.05
CA GLY A 16 -9.18 -12.60 10.27
C GLY A 16 -8.23 -11.42 10.32
N ASP A 17 -8.80 -10.21 10.26
CA ASP A 17 -7.98 -9.00 10.20
C ASP A 17 -7.00 -8.93 11.37
N HIS A 18 -7.43 -9.38 12.55
CA HIS A 18 -6.60 -9.26 13.73
C HIS A 18 -5.36 -10.13 13.63
N ASN A 19 -5.51 -11.32 13.05
CA ASN A 19 -4.34 -12.18 12.88
C ASN A 19 -3.36 -11.53 11.95
N CYS A 20 -3.86 -10.92 10.87
CA CYS A 20 -3.01 -10.21 9.94
C CYS A 20 -2.31 -9.07 10.66
N ALA A 21 -3.05 -8.31 11.48
CA ALA A 21 -2.43 -7.22 12.23
C ALA A 21 -1.27 -7.71 13.08
N LEU A 22 -1.45 -8.84 13.77
CA LEU A 22 -0.42 -9.37 14.64
CA LEU A 22 -0.41 -9.36 14.64
C LEU A 22 0.80 -9.83 13.85
N VAL A 23 0.58 -10.54 12.75
CA VAL A 23 1.71 -10.95 11.90
C VAL A 23 2.45 -9.72 11.38
N CYS A 24 1.70 -8.69 10.97
CA CYS A 24 2.29 -7.46 10.44
C CYS A 24 3.10 -6.73 11.50
N ARG A 25 2.65 -6.74 12.75
CA ARG A 25 3.44 -6.13 13.81
C ARG A 25 4.75 -6.88 14.01
N ASN A 26 4.74 -8.20 13.84
CA ASN A 26 5.95 -8.99 13.92
C ASN A 26 6.93 -8.62 12.79
N GLU A 27 6.40 -8.18 11.65
CA GLU A 27 7.20 -7.72 10.52
C GLU A 27 7.61 -6.26 10.63
N GLY A 28 7.22 -5.54 11.69
CA GLY A 28 7.66 -4.18 11.88
C GLY A 28 6.66 -3.10 11.53
N PHE A 29 5.45 -3.47 11.15
CA PHE A 29 4.38 -2.53 10.86
C PHE A 29 3.56 -2.27 12.11
N SER A 30 2.61 -1.33 12.00
N SER A 30 2.60 -1.34 11.96
CA SER A 30 1.73 -1.01 13.12
CA SER A 30 1.71 -0.94 13.03
C SER A 30 0.47 -1.86 13.16
C SER A 30 0.49 -1.84 13.14
N GLY A 31 0.10 -2.47 12.05
CA GLY A 31 -1.11 -3.27 12.03
C GLY A 31 -1.31 -3.75 10.60
N GLY A 32 -2.54 -4.13 10.30
CA GLY A 32 -2.83 -4.68 9.00
C GLY A 32 -4.23 -5.20 8.95
N LYS A 33 -4.64 -5.55 7.73
CA LYS A 33 -5.94 -6.17 7.56
C LYS A 33 -5.97 -6.98 6.27
N CYS A 34 -6.97 -7.83 6.19
CA CYS A 34 -7.19 -8.61 4.99
C CYS A 34 -7.88 -7.77 3.94
N LYS A 35 -7.49 -7.94 2.68
CA LYS A 35 -8.09 -7.17 1.61
C LYS A 35 -8.32 -8.05 0.41
N GLY A 36 -9.39 -7.74 -0.32
CA GLY A 36 -9.65 -8.27 -1.64
C GLY A 36 -10.30 -9.62 -1.63
N LEU A 37 -10.87 -9.99 -2.78
CA LEU A 37 -11.39 -11.34 -2.95
C LEU A 37 -10.29 -12.38 -2.78
N ARG A 38 -9.02 -12.01 -3.05
CA ARG A 38 -7.91 -12.92 -2.87
C ARG A 38 -7.53 -13.10 -1.42
N ARG A 39 -8.08 -12.29 -0.51
CA ARG A 39 -7.88 -12.43 0.92
C ARG A 39 -6.39 -12.50 1.24
N ARG A 40 -5.73 -11.38 0.98
CA ARG A 40 -4.33 -11.23 1.31
C ARG A 40 -4.20 -10.29 2.50
N CYS A 41 -3.17 -10.53 3.31
CA CYS A 41 -2.86 -9.67 4.44
C CYS A 41 -1.99 -8.50 4.01
N PHE A 42 -2.48 -7.29 4.27
CA PHE A 42 -1.78 -6.06 3.94
C PHE A 42 -1.44 -5.31 5.23
N CYS A 43 -0.16 -5.10 5.46
CA CYS A 43 0.38 -4.39 6.60
C CYS A 43 0.30 -2.89 6.37
N THR A 44 0.11 -2.14 7.44
CA THR A 44 -0.06 -0.71 7.42
C THR A 44 0.82 0.00 8.42
N LYS A 45 1.20 1.22 8.09
CA LYS A 45 1.88 2.10 9.02
C LYS A 45 1.72 3.52 8.50
N LEU A 46 2.06 4.50 9.32
CA LEU A 46 2.13 5.86 8.87
C LEU A 46 3.29 6.02 7.92
N CYS A 47 3.11 6.79 6.85
CA CYS A 47 4.21 6.93 5.91
C CYS A 47 5.31 7.74 6.58
N ARG B 1 12.12 -2.87 1.67
CA ARG B 1 10.65 -3.11 1.73
C ARG B 1 9.91 -1.86 1.27
N VAL B 2 9.14 -2.00 0.14
CA VAL B 2 8.39 -0.88 -0.44
CA VAL B 2 8.39 -0.87 -0.42
C VAL B 2 6.99 -0.85 0.15
N CYS B 3 6.45 0.36 0.26
CA CYS B 3 5.07 0.59 0.64
C CYS B 3 4.41 1.50 -0.36
N GLU B 4 3.08 1.49 -0.33
CA GLU B 4 2.25 2.20 -1.29
C GLU B 4 1.18 3.01 -0.59
N SER B 5 0.83 4.14 -1.20
CA SER B 5 -0.25 4.99 -0.68
C SER B 5 -0.90 5.71 -1.85
N GLN B 6 -2.22 5.64 -1.98
CA GLN B 6 -2.89 6.33 -3.08
C GLN B 6 -2.56 7.81 -3.01
N SER B 7 -2.40 8.43 -4.17
CA SER B 7 -2.02 9.83 -4.25
C SER B 7 -3.11 10.71 -3.65
N HIS B 8 -2.69 11.78 -2.98
CA HIS B 8 -3.58 12.78 -2.46
C HIS B 8 -3.71 13.99 -3.36
N LYS B 9 -2.90 14.08 -4.42
CA LYS B 9 -2.90 15.23 -5.31
C LYS B 9 -3.38 14.94 -6.73
N PHE B 10 -3.28 13.70 -7.20
CA PHE B 10 -3.48 13.41 -8.60
C PHE B 10 -4.94 13.60 -8.96
N GLU B 11 -5.18 14.35 -10.05
CA GLU B 11 -6.54 14.68 -10.50
C GLU B 11 -7.05 13.63 -11.48
N GLY B 12 -8.18 13.00 -11.14
CA GLY B 12 -8.83 12.17 -12.15
C GLY B 12 -8.15 10.86 -12.49
N ALA B 13 -8.45 10.36 -13.69
CA ALA B 13 -7.96 9.07 -14.16
C ALA B 13 -6.47 9.11 -14.47
N CYS B 14 -5.74 8.08 -14.04
CA CYS B 14 -4.29 7.99 -14.22
C CYS B 14 -3.99 7.30 -15.55
N MET B 15 -3.51 8.05 -16.52
CA MET B 15 -3.14 7.47 -17.80
C MET B 15 -1.63 7.22 -17.87
N GLY B 16 -0.84 8.21 -17.56
CA GLY B 16 0.60 8.14 -17.70
C GLY B 16 1.28 7.86 -16.38
N ASP B 17 1.99 6.73 -16.31
CA ASP B 17 2.68 6.38 -15.07
C ASP B 17 3.68 7.46 -14.69
N HIS B 18 4.36 8.04 -15.69
CA HIS B 18 5.35 9.06 -15.40
C HIS B 18 4.70 10.27 -14.73
N ASN B 19 3.51 10.64 -15.18
CA ASN B 19 2.85 11.78 -14.56
C ASN B 19 2.55 11.47 -13.10
N CYS B 20 2.10 10.26 -12.85
CA CYS B 20 1.80 9.84 -11.47
C CYS B 20 3.05 9.84 -10.63
N ALA B 21 4.15 9.31 -11.16
CA ALA B 21 5.41 9.35 -10.44
C ALA B 21 5.83 10.76 -10.08
N LEU B 22 5.69 11.71 -11.00
CA LEU B 22 6.10 13.08 -10.69
C LEU B 22 5.19 13.71 -9.64
N VAL B 23 3.89 13.46 -9.75
CA VAL B 23 2.96 13.97 -8.75
C VAL B 23 3.31 13.40 -7.38
N CYS B 24 3.55 12.10 -7.35
CA CYS B 24 3.91 11.43 -6.08
C CYS B 24 5.21 11.92 -5.51
N ARG B 25 6.19 12.26 -6.35
CA ARG B 25 7.43 12.83 -5.80
C ARG B 25 7.18 14.16 -5.13
N ASN B 26 6.25 14.93 -5.64
CA ASN B 26 5.83 16.17 -5.00
C ASN B 26 5.15 15.92 -3.66
N GLU B 27 4.61 14.72 -3.45
CA GLU B 27 4.03 14.33 -2.17
C GLU B 27 5.06 13.71 -1.23
N GLY B 28 6.33 13.68 -1.62
CA GLY B 28 7.37 13.11 -0.76
C GLY B 28 7.64 11.63 -0.91
N PHE B 29 7.12 10.99 -1.95
CA PHE B 29 7.36 9.59 -2.28
C PHE B 29 8.46 9.50 -3.33
N SER B 30 8.95 8.31 -3.56
CA SER B 30 10.02 8.14 -4.53
C SER B 30 9.52 7.93 -5.94
N GLY B 31 8.29 7.47 -6.08
CA GLY B 31 7.76 7.18 -7.39
C GLY B 31 6.29 6.88 -7.30
N GLY B 32 5.75 6.40 -8.40
CA GLY B 32 4.37 5.95 -8.39
C GLY B 32 3.98 5.44 -9.75
N LYS B 33 2.82 4.81 -9.78
CA LYS B 33 2.32 4.24 -11.01
C LYS B 33 0.80 4.20 -10.95
N CYS B 34 0.19 4.23 -12.15
CA CYS B 34 -1.23 4.03 -12.32
C CYS B 34 -1.58 2.57 -12.12
N LYS B 35 -2.63 2.31 -11.36
CA LYS B 35 -3.07 0.95 -11.11
C LYS B 35 -4.58 0.92 -10.94
N GLY B 36 -5.12 -0.30 -11.02
CA GLY B 36 -6.50 -0.57 -10.72
C GLY B 36 -7.42 -0.46 -11.91
N LEU B 37 -8.58 -1.05 -11.78
CA LEU B 37 -9.56 -0.97 -12.84
C LEU B 37 -10.02 0.47 -13.07
N ARG B 38 -10.26 1.19 -11.97
CA ARG B 38 -10.43 2.65 -11.98
C ARG B 38 -9.03 3.20 -11.82
N ARG B 39 -8.45 3.61 -12.94
CA ARG B 39 -7.03 3.93 -13.05
C ARG B 39 -6.69 5.03 -12.05
N ARG B 40 -6.08 4.67 -10.94
CA ARG B 40 -5.70 5.64 -9.93
C ARG B 40 -4.18 5.66 -9.74
N CYS B 41 -3.68 6.78 -9.25
CA CYS B 41 -2.25 6.97 -9.04
C CYS B 41 -1.89 6.52 -7.63
N PHE B 42 -0.95 5.56 -7.54
CA PHE B 42 -0.46 5.04 -6.27
C PHE B 42 1.02 5.40 -6.11
N CYS B 43 1.34 6.08 -5.02
CA CYS B 43 2.70 6.52 -4.74
C CYS B 43 3.41 5.40 -3.98
N THR B 44 4.72 5.30 -4.17
CA THR B 44 5.53 4.29 -3.49
C THR B 44 6.76 4.93 -2.85
N LYS B 45 7.23 4.32 -1.76
CA LYS B 45 8.47 4.71 -1.11
C LYS B 45 8.93 3.56 -0.26
N LEU B 46 10.14 3.65 0.28
CA LEU B 46 10.57 2.65 1.24
C LEU B 46 9.89 2.91 2.56
N CYS B 47 9.37 1.87 3.19
CA CYS B 47 8.79 2.17 4.50
C CYS B 47 9.81 2.24 5.59
#